data_8OV9
#
_entry.id   8OV9
#
_cell.length_a   58.310
_cell.length_b   59.308
_cell.length_c   208.365
_cell.angle_alpha   90.000
_cell.angle_beta   90.000
_cell.angle_gamma   90.000
#
_symmetry.space_group_name_H-M   'C 2 2 21'
#
loop_
_entity.id
_entity.type
_entity.pdbx_description
1 polymer 'Ene-reductase 1'
2 non-polymer GLYCEROL
3 water water
#
_entity_poly.entity_id   1
_entity_poly.type   'polypeptide(L)'
_entity_poly.pdbx_seq_one_letter_code
;MAPVTNGRIIFNSIPTGFPVPGETTIYDTTETIDLDTAPLDGGFLLKTLELSVDPYMRGGMRAPEKKSYSAPFTLGQPLR
GYGVGVVLRSENPQVKAGDHLYGFFEHTHYSIRKDLTGLQAIENAYNLPWSVFIGVIGMPGKTAYMAWKEYAHPKQGETV
FVSTGAGPVGSFVIQLAKADGLKVIASAGSEEKVQFMKEVGADVAFNYKTTNTAEVLEKEGPIDIYWDNVGGETLEAALN
AANVNARFIECGMISGYNSGGAPVRNIFHVIGKSITMTGFIVSRIEPKYSAEFYKEVPAKVASGELKYREHVYNGLEKLG
DVILAVQKGENKAKAVVHVADDLEHHHHHH
;
_entity_poly.pdbx_strand_id   A
#
loop_
_chem_comp.id
_chem_comp.type
_chem_comp.name
_chem_comp.formula
GOL non-polymer GLYCEROL 'C3 H8 O3'
#
# COMPACT_ATOMS: atom_id res chain seq x y z
N ALA A 2 21.00 12.59 -28.25
CA ALA A 2 21.65 13.62 -27.43
C ALA A 2 21.22 13.44 -25.98
N PRO A 3 21.97 14.02 -25.04
CA PRO A 3 21.64 13.83 -23.63
C PRO A 3 20.30 14.46 -23.30
N VAL A 4 19.59 13.80 -22.39
CA VAL A 4 18.31 14.26 -21.89
C VAL A 4 18.46 14.52 -20.39
N THR A 5 17.59 15.37 -19.87
CA THR A 5 17.56 15.61 -18.44
C THR A 5 17.12 14.35 -17.70
N ASN A 6 17.84 14.04 -16.62
CA ASN A 6 17.42 13.00 -15.68
C ASN A 6 16.93 13.74 -14.45
N GLY A 7 15.64 14.05 -14.42
CA GLY A 7 15.11 14.79 -13.29
C GLY A 7 15.09 13.95 -12.04
N ARG A 8 15.21 14.61 -10.88
CA ARG A 8 15.35 13.92 -9.60
C ARG A 8 14.64 14.71 -8.50
N ILE A 9 13.89 13.99 -7.66
CA ILE A 9 13.32 14.61 -6.46
C ILE A 9 14.31 14.35 -5.34
N ILE A 10 14.96 15.42 -4.86
CA ILE A 10 16.07 15.35 -3.93
C ILE A 10 15.59 15.68 -2.52
N PHE A 11 16.06 14.90 -1.55
CA PHE A 11 15.86 15.21 -0.14
C PHE A 11 16.74 16.39 0.24
N ASN A 12 16.12 17.51 0.60
CA ASN A 12 16.85 18.76 0.76
C ASN A 12 16.92 19.29 2.18
N SER A 13 15.95 18.97 3.04
CA SER A 13 16.02 19.34 4.44
C SER A 13 15.05 18.48 5.25
N ILE A 14 15.35 18.36 6.55
CA ILE A 14 14.58 17.51 7.46
C ILE A 14 13.42 18.33 8.00
N PRO A 15 12.16 17.93 7.78
CA PRO A 15 11.05 18.73 8.30
C PRO A 15 10.77 18.39 9.75
N THR A 16 10.35 19.42 10.48
CA THR A 16 9.87 19.24 11.85
C THR A 16 8.37 19.10 11.94
N GLY A 17 7.63 19.48 10.91
CA GLY A 17 6.21 19.24 10.82
C GLY A 17 5.93 18.55 9.50
N PHE A 18 4.85 18.97 8.84
CA PHE A 18 4.57 18.44 7.51
C PHE A 18 5.70 18.79 6.55
N PRO A 19 5.93 17.97 5.53
CA PRO A 19 6.96 18.31 4.55
C PRO A 19 6.52 19.54 3.76
N VAL A 20 7.51 20.34 3.35
CA VAL A 20 7.29 21.58 2.63
C VAL A 20 7.84 21.43 1.23
N PRO A 21 7.01 21.32 0.20
CA PRO A 21 7.52 21.21 -1.16
C PRO A 21 8.38 22.41 -1.52
N GLY A 22 9.53 22.13 -2.12
CA GLY A 22 10.50 23.15 -2.43
C GLY A 22 11.52 23.40 -1.34
N GLU A 23 11.28 22.91 -0.12
CA GLU A 23 12.22 23.00 0.99
C GLU A 23 12.63 21.60 1.44
N THR A 24 11.67 20.78 1.89
CA THR A 24 11.97 19.40 2.24
C THR A 24 12.48 18.63 1.05
N THR A 25 11.84 18.84 -0.10
CA THR A 25 12.18 18.21 -1.36
C THR A 25 12.40 19.31 -2.39
N ILE A 26 13.29 19.06 -3.34
CA ILE A 26 13.48 19.93 -4.50
C ILE A 26 13.48 19.05 -5.75
N TYR A 27 12.94 19.60 -6.83
CA TYR A 27 13.03 18.98 -8.14
C TYR A 27 14.28 19.51 -8.83
N ASP A 28 15.23 18.62 -9.10
CA ASP A 28 16.57 18.96 -9.54
C ASP A 28 16.77 18.46 -10.97
N THR A 29 17.21 19.36 -11.84
CA THR A 29 17.42 19.04 -13.26
C THR A 29 18.87 19.25 -13.65
N THR A 30 19.79 19.08 -12.71
CA THR A 30 21.19 19.32 -13.04
C THR A 30 21.89 18.13 -13.69
N GLU A 31 21.32 16.93 -13.63
CA GLU A 31 21.92 15.77 -14.25
C GLU A 31 21.32 15.51 -15.62
N THR A 32 22.18 15.06 -16.53
CA THR A 32 21.74 14.57 -17.83
C THR A 32 22.25 13.15 -18.03
N ILE A 33 21.67 12.48 -19.02
CA ILE A 33 22.06 11.12 -19.36
C ILE A 33 21.88 10.95 -20.86
N ASP A 34 22.83 10.27 -21.50
CA ASP A 34 22.69 9.89 -22.90
C ASP A 34 22.14 8.46 -22.93
N LEU A 35 20.87 8.32 -23.28
CA LEU A 35 20.23 7.01 -23.18
C LEU A 35 20.90 5.99 -24.09
N ASP A 36 21.49 6.42 -25.21
CA ASP A 36 22.08 5.49 -26.16
C ASP A 36 23.50 5.08 -25.80
N THR A 37 24.29 5.99 -25.19
CA THR A 37 25.70 5.71 -24.94
C THR A 37 26.11 5.62 -23.49
N ALA A 38 25.22 5.89 -22.54
CA ALA A 38 25.61 5.84 -21.14
C ALA A 38 26.25 4.48 -20.83
N PRO A 39 27.41 4.45 -20.17
CA PRO A 39 28.05 3.15 -19.89
C PRO A 39 27.24 2.34 -18.88
N LEU A 40 26.95 1.09 -19.24
CA LEU A 40 26.19 0.19 -18.38
C LEU A 40 27.05 -0.78 -17.61
N ASP A 41 28.27 -1.03 -18.07
CA ASP A 41 29.24 -1.88 -17.38
C ASP A 41 28.63 -3.21 -16.94
N GLY A 42 27.92 -3.87 -17.85
CA GLY A 42 27.31 -5.15 -17.56
C GLY A 42 25.95 -5.08 -16.89
N GLY A 43 25.45 -3.90 -16.60
CA GLY A 43 24.14 -3.69 -16.00
C GLY A 43 23.11 -3.32 -17.04
N PHE A 44 22.11 -2.55 -16.62
CA PHE A 44 21.03 -2.18 -17.52
C PHE A 44 20.49 -0.79 -17.20
N LEU A 45 19.89 -0.18 -18.22
CA LEU A 45 19.30 1.14 -18.15
C LEU A 45 17.80 1.01 -17.94
N LEU A 46 17.30 1.64 -16.88
CA LEU A 46 15.94 1.47 -16.41
C LEU A 46 15.21 2.81 -16.42
N LYS A 47 14.09 2.86 -17.16
CA LYS A 47 13.24 4.05 -17.26
C LYS A 47 12.08 3.95 -16.27
N THR A 48 11.99 4.93 -15.37
CA THR A 48 10.90 4.96 -14.40
C THR A 48 9.58 5.30 -15.07
N LEU A 49 8.55 4.52 -14.77
CA LEU A 49 7.21 4.74 -15.31
C LEU A 49 6.21 5.26 -14.29
N GLU A 50 6.16 4.63 -13.11
CA GLU A 50 5.18 4.93 -12.08
C GLU A 50 5.87 4.86 -10.73
N LEU A 51 5.57 5.82 -9.86
CA LEU A 51 6.10 5.86 -8.50
C LEU A 51 4.98 5.93 -7.48
N SER A 52 5.09 5.13 -6.44
CA SER A 52 4.13 5.15 -5.36
C SER A 52 4.48 6.24 -4.36
N VAL A 53 3.47 6.92 -3.83
CA VAL A 53 3.66 7.81 -2.68
C VAL A 53 2.82 7.22 -1.56
N ASP A 54 3.47 6.58 -0.62
CA ASP A 54 2.83 5.93 0.51
C ASP A 54 3.07 6.74 1.77
N PRO A 55 2.09 6.82 2.66
CA PRO A 55 2.25 7.66 3.84
C PRO A 55 3.36 7.12 4.73
N TYR A 56 4.02 8.03 5.42
CA TYR A 56 4.96 7.66 6.46
C TYR A 56 4.48 8.24 7.78
N MET A 57 4.87 7.59 8.86
CA MET A 57 4.60 8.16 10.17
C MET A 57 5.51 7.51 11.19
N ARG A 58 5.25 6.24 11.54
CA ARG A 58 6.04 5.59 12.57
C ARG A 58 7.48 5.44 12.11
N GLY A 59 8.42 5.95 12.90
CA GLY A 59 9.81 5.93 12.50
C GLY A 59 10.24 7.11 11.65
N GLY A 60 9.35 8.04 11.37
CA GLY A 60 9.71 9.24 10.67
C GLY A 60 9.78 9.02 9.17
N MET A 61 10.56 9.88 8.54
CA MET A 61 10.70 9.92 7.10
C MET A 61 11.75 8.89 6.70
N ARG A 62 11.29 7.72 6.25
CA ARG A 62 12.15 6.59 5.91
C ARG A 62 11.58 5.89 4.68
N ALA A 63 12.47 5.17 3.98
CA ALA A 63 12.05 4.39 2.84
C ALA A 63 11.08 3.31 3.33
N PRO A 64 10.24 2.77 2.45
CA PRO A 64 9.40 1.63 2.87
C PRO A 64 10.28 0.49 3.34
N GLU A 65 9.72 -0.37 4.18
CA GLU A 65 10.55 -1.31 4.94
C GLU A 65 11.05 -2.46 4.08
N LYS A 66 12.32 -2.81 4.27
CA LYS A 66 12.99 -3.86 3.52
C LYS A 66 13.96 -4.53 4.50
N LYS A 67 13.98 -5.85 4.50
CA LYS A 67 14.75 -6.62 5.48
C LYS A 67 14.25 -6.38 6.89
N SER A 68 13.02 -5.86 7.01
CA SER A 68 12.51 -5.28 8.24
C SER A 68 13.29 -4.04 8.66
N TYR A 69 14.02 -3.41 7.73
CA TYR A 69 14.68 -2.12 7.97
C TYR A 69 14.19 -1.08 6.98
N SER A 70 13.60 -0.01 7.50
CA SER A 70 13.23 1.16 6.73
C SER A 70 14.34 2.19 6.92
N ALA A 71 15.07 2.53 5.80
CA ALA A 71 16.24 3.38 5.96
C ALA A 71 15.89 4.86 5.82
N PRO A 72 16.59 5.73 6.53
CA PRO A 72 16.41 7.17 6.30
C PRO A 72 16.94 7.56 4.93
N PHE A 73 16.57 8.75 4.51
CA PHE A 73 17.05 9.35 3.27
C PHE A 73 18.33 10.14 3.54
N THR A 74 19.09 10.35 2.48
CA THR A 74 20.36 11.08 2.51
C THR A 74 20.15 12.45 1.88
N LEU A 75 20.53 13.49 2.61
CA LEU A 75 20.40 14.84 2.10
C LEU A 75 21.24 15.01 0.84
N GLY A 76 20.63 15.62 -0.19
CA GLY A 76 21.27 15.79 -1.47
C GLY A 76 21.11 14.64 -2.43
N GLN A 77 20.47 13.56 -2.01
CA GLN A 77 20.22 12.41 -2.87
C GLN A 77 18.73 12.21 -3.09
N PRO A 78 18.34 11.43 -4.09
CA PRO A 78 16.91 11.26 -4.38
C PRO A 78 16.19 10.53 -3.26
N LEU A 79 14.92 10.86 -3.11
CA LEU A 79 14.02 10.01 -2.35
C LEU A 79 13.84 8.67 -3.09
N ARG A 80 13.15 7.75 -2.43
CA ARG A 80 12.95 6.41 -2.97
C ARG A 80 11.63 5.84 -2.47
N GLY A 81 11.10 4.86 -3.20
CA GLY A 81 9.94 4.11 -2.77
C GLY A 81 9.61 3.06 -3.80
N TYR A 82 8.42 2.47 -3.71
CA TYR A 82 8.01 1.49 -4.70
C TYR A 82 7.78 2.14 -6.06
N GLY A 83 8.05 1.39 -7.12
CA GLY A 83 7.81 1.86 -8.46
C GLY A 83 7.79 0.73 -9.47
N VAL A 84 7.50 1.13 -10.71
CA VAL A 84 7.52 0.28 -11.89
C VAL A 84 8.32 1.01 -12.95
N GLY A 85 9.15 0.24 -13.67
CA GLY A 85 9.94 0.79 -14.74
C GLY A 85 10.08 -0.20 -15.89
N VAL A 86 10.67 0.28 -16.97
CA VAL A 86 10.90 -0.54 -18.15
C VAL A 86 12.37 -0.45 -18.53
N VAL A 87 12.94 -1.60 -18.88
CA VAL A 87 14.34 -1.66 -19.30
C VAL A 87 14.47 -1.12 -20.73
N LEU A 88 15.36 -0.15 -20.90
CA LEU A 88 15.62 0.40 -22.22
C LEU A 88 16.76 -0.29 -22.94
N ARG A 89 17.79 -0.72 -22.21
CA ARG A 89 18.99 -1.30 -22.81
C ARG A 89 19.67 -2.13 -21.73
N SER A 90 20.24 -3.28 -22.12
CA SER A 90 20.79 -4.19 -21.14
C SER A 90 22.07 -4.85 -21.64
N GLU A 91 23.05 -4.94 -20.76
CA GLU A 91 24.22 -5.78 -20.92
C GLU A 91 24.23 -6.91 -19.90
N ASN A 92 23.10 -7.15 -19.25
CA ASN A 92 22.98 -8.14 -18.20
C ASN A 92 22.07 -9.26 -18.65
N PRO A 93 22.52 -10.52 -18.59
CA PRO A 93 21.68 -11.61 -19.10
C PRO A 93 20.35 -11.80 -18.36
N GLN A 94 20.23 -11.23 -17.16
N GLN A 94 20.20 -11.28 -17.15
CA GLN A 94 19.01 -11.39 -16.37
CA GLN A 94 18.93 -11.52 -16.46
C GLN A 94 17.82 -10.61 -16.94
C GLN A 94 17.81 -10.59 -16.91
N VAL A 95 18.07 -9.54 -17.69
CA VAL A 95 16.99 -8.69 -18.20
C VAL A 95 17.25 -8.27 -19.64
N LYS A 96 16.17 -7.99 -20.37
CA LYS A 96 16.27 -7.53 -21.75
C LYS A 96 15.42 -6.27 -21.94
N ALA A 97 15.75 -5.54 -23.00
CA ALA A 97 14.98 -4.36 -23.38
C ALA A 97 13.51 -4.74 -23.49
N GLY A 98 12.67 -3.91 -22.89
CA GLY A 98 11.24 -4.14 -22.89
C GLY A 98 10.73 -4.79 -21.63
N ASP A 99 11.59 -5.35 -20.81
CA ASP A 99 11.13 -5.97 -19.57
C ASP A 99 10.64 -4.91 -18.60
N HIS A 100 9.53 -5.20 -17.93
CA HIS A 100 8.98 -4.32 -16.91
C HIS A 100 9.31 -4.88 -15.53
N LEU A 101 9.79 -4.01 -14.65
CA LEU A 101 10.32 -4.40 -13.36
C LEU A 101 9.63 -3.61 -12.26
N TYR A 102 9.37 -4.31 -11.14
CA TYR A 102 8.77 -3.75 -9.94
C TYR A 102 9.74 -3.82 -8.78
N GLY A 103 9.78 -2.78 -7.97
CA GLY A 103 10.51 -2.86 -6.71
C GLY A 103 10.83 -1.45 -6.21
N PHE A 104 11.98 -1.33 -5.57
N PHE A 104 11.97 -1.33 -5.54
CA PHE A 104 12.40 -0.05 -5.02
CA PHE A 104 12.40 -0.03 -5.02
C PHE A 104 13.04 0.79 -6.13
C PHE A 104 13.03 0.78 -6.14
N PHE A 105 12.55 2.03 -6.28
CA PHE A 105 13.07 2.99 -7.24
C PHE A 105 13.47 4.28 -6.54
N GLU A 106 14.61 4.85 -6.94
CA GLU A 106 14.86 6.25 -6.64
C GLU A 106 13.91 7.12 -7.47
N HIS A 107 13.66 8.32 -6.97
CA HIS A 107 12.71 9.24 -7.60
C HIS A 107 13.46 10.04 -8.65
N THR A 108 13.71 9.36 -9.77
CA THR A 108 14.44 9.90 -10.91
C THR A 108 13.80 9.35 -12.18
N HIS A 109 14.08 10.02 -13.31
CA HIS A 109 13.57 9.52 -14.58
C HIS A 109 14.25 8.22 -15.02
N TYR A 110 15.56 8.11 -14.78
CA TYR A 110 16.35 6.99 -15.28
C TYR A 110 17.33 6.56 -14.21
N SER A 111 17.68 5.27 -14.23
CA SER A 111 18.75 4.74 -13.41
C SER A 111 19.48 3.64 -14.16
N ILE A 112 20.72 3.41 -13.75
CA ILE A 112 21.55 2.32 -14.25
C ILE A 112 21.72 1.33 -13.11
N ARG A 113 21.31 0.09 -13.33
CA ARG A 113 21.36 -0.95 -12.31
C ARG A 113 22.39 -2.00 -12.69
N LYS A 114 23.11 -2.50 -11.69
CA LYS A 114 24.06 -3.58 -11.93
C LYS A 114 23.35 -4.91 -12.15
N ASP A 115 22.22 -5.13 -11.49
CA ASP A 115 21.56 -6.43 -11.49
C ASP A 115 20.14 -6.23 -10.93
N LEU A 116 19.46 -7.33 -10.62
CA LEU A 116 18.07 -7.28 -10.22
C LEU A 116 17.87 -7.08 -8.73
N THR A 117 18.90 -6.65 -8.00
CA THR A 117 18.70 -6.43 -6.57
C THR A 117 17.53 -5.47 -6.36
N GLY A 118 16.60 -5.85 -5.48
CA GLY A 118 15.47 -5.00 -5.17
C GLY A 118 14.43 -4.89 -6.25
N LEU A 119 14.48 -5.75 -7.28
CA LEU A 119 13.58 -5.68 -8.42
C LEU A 119 13.10 -7.08 -8.79
N GLN A 120 11.96 -7.12 -9.45
CA GLN A 120 11.41 -8.37 -9.94
C GLN A 120 10.66 -8.12 -11.22
N ALA A 121 10.74 -9.09 -12.12
CA ALA A 121 10.00 -9.02 -13.36
C ALA A 121 8.50 -9.08 -13.08
N ILE A 122 7.75 -8.27 -13.82
CA ILE A 122 6.28 -8.25 -13.74
C ILE A 122 5.73 -9.06 -14.90
N GLU A 123 4.82 -9.98 -14.59
CA GLU A 123 4.00 -10.67 -15.59
C GLU A 123 2.67 -9.93 -15.66
N ASN A 124 2.42 -9.29 -16.79
CA ASN A 124 1.20 -8.51 -17.01
C ASN A 124 0.43 -9.09 -18.19
N ALA A 125 -0.11 -10.29 -17.99
CA ALA A 125 -0.77 -11.02 -19.06
C ALA A 125 -1.97 -10.29 -19.64
N TYR A 126 -2.69 -9.51 -18.84
CA TYR A 126 -3.89 -8.82 -19.29
C TYR A 126 -3.63 -7.36 -19.66
N ASN A 127 -2.36 -6.96 -19.72
CA ASN A 127 -1.98 -5.61 -20.13
CA ASN A 127 -1.98 -5.60 -20.14
C ASN A 127 -2.68 -4.54 -19.30
N LEU A 128 -2.69 -4.76 -17.99
CA LEU A 128 -3.26 -3.78 -17.07
C LEU A 128 -2.36 -2.54 -17.00
N PRO A 129 -2.91 -1.40 -16.60
CA PRO A 129 -2.07 -0.22 -16.41
C PRO A 129 -0.95 -0.51 -15.42
N TRP A 130 0.24 -0.03 -15.73
CA TRP A 130 1.40 -0.36 -14.90
C TRP A 130 1.21 0.07 -13.45
N SER A 131 0.48 1.16 -13.21
CA SER A 131 0.31 1.64 -11.85
C SER A 131 -0.40 0.64 -10.95
N VAL A 132 -1.14 -0.34 -11.49
CA VAL A 132 -1.79 -1.27 -10.58
C VAL A 132 -0.77 -2.04 -9.75
N PHE A 133 0.44 -2.20 -10.26
CA PHE A 133 1.47 -3.00 -9.60
C PHE A 133 2.12 -2.31 -8.41
N ILE A 134 1.73 -1.07 -8.11
CA ILE A 134 2.10 -0.42 -6.86
C ILE A 134 0.89 -0.16 -5.95
N GLY A 135 -0.26 -0.77 -6.27
CA GLY A 135 -1.46 -0.61 -5.48
C GLY A 135 -2.13 -1.96 -5.23
N VAL A 136 -3.21 -2.19 -5.95
CA VAL A 136 -3.99 -3.42 -5.80
C VAL A 136 -3.17 -4.66 -6.13
N ILE A 137 -2.18 -4.55 -7.03
CA ILE A 137 -1.28 -5.66 -7.35
C ILE A 137 0.14 -5.30 -6.91
N GLY A 138 0.25 -4.47 -5.88
CA GLY A 138 1.49 -4.13 -5.23
C GLY A 138 1.42 -4.37 -3.73
N MET A 139 2.25 -3.63 -2.99
CA MET A 139 2.35 -3.86 -1.55
C MET A 139 1.02 -3.75 -0.84
N PRO A 140 0.14 -2.78 -1.13
CA PRO A 140 -1.14 -2.73 -0.40
C PRO A 140 -2.00 -3.96 -0.64
N GLY A 141 -2.12 -4.39 -1.90
CA GLY A 141 -2.89 -5.57 -2.19
C GLY A 141 -2.31 -6.83 -1.57
N LYS A 142 -0.99 -6.96 -1.58
N LYS A 142 -0.99 -6.98 -1.61
CA LYS A 142 -0.37 -8.13 -0.97
CA LYS A 142 -0.37 -8.12 -0.96
C LYS A 142 -0.62 -8.16 0.54
C LYS A 142 -0.69 -8.15 0.52
N THR A 143 -0.63 -6.98 1.17
CA THR A 143 -0.89 -6.89 2.60
C THR A 143 -2.28 -7.43 2.93
N ALA A 144 -3.29 -7.04 2.14
CA ALA A 144 -4.64 -7.55 2.36
C ALA A 144 -4.74 -9.04 2.06
N TYR A 145 -4.30 -9.44 0.86
CA TYR A 145 -4.54 -10.80 0.39
C TYR A 145 -3.84 -11.83 1.26
N MET A 146 -2.56 -11.60 1.55
CA MET A 146 -1.75 -12.64 2.17
C MET A 146 -2.13 -12.85 3.63
N ALA A 147 -2.30 -11.76 4.40
CA ALA A 147 -2.72 -11.91 5.79
C ALA A 147 -4.15 -12.43 5.90
N TRP A 148 -5.04 -12.06 4.97
CA TRP A 148 -6.38 -12.63 4.99
C TRP A 148 -6.31 -14.14 4.84
N LYS A 149 -5.57 -14.62 3.83
CA LYS A 149 -5.50 -16.06 3.61
C LYS A 149 -4.82 -16.76 4.77
N GLU A 150 -3.85 -16.12 5.41
CA GLU A 150 -3.12 -16.79 6.48
C GLU A 150 -3.91 -16.84 7.78
N TYR A 151 -4.67 -15.79 8.12
CA TYR A 151 -5.16 -15.61 9.48
C TYR A 151 -6.68 -15.59 9.64
N ALA A 152 -7.46 -15.34 8.59
CA ALA A 152 -8.88 -15.08 8.83
C ALA A 152 -9.67 -16.33 9.21
N HIS A 153 -9.30 -17.50 8.68
CA HIS A 153 -10.01 -18.75 8.91
C HIS A 153 -11.54 -18.56 8.86
N PRO A 154 -12.05 -18.05 7.75
CA PRO A 154 -13.46 -17.67 7.70
C PRO A 154 -14.39 -18.86 7.60
N LYS A 155 -15.60 -18.64 8.08
N LYS A 155 -15.60 -18.63 8.08
CA LYS A 155 -16.69 -19.58 7.86
CA LYS A 155 -16.72 -19.56 7.92
C LYS A 155 -17.89 -18.80 7.33
C LYS A 155 -17.90 -18.79 7.32
N GLN A 156 -18.66 -19.47 6.48
CA GLN A 156 -19.79 -18.83 5.81
C GLN A 156 -20.65 -18.07 6.82
N GLY A 157 -20.95 -16.81 6.51
CA GLY A 157 -21.88 -16.03 7.30
C GLY A 157 -21.29 -15.36 8.53
N GLU A 158 -20.00 -15.53 8.81
CA GLU A 158 -19.36 -14.78 9.88
C GLU A 158 -19.41 -13.29 9.56
N THR A 159 -19.21 -12.47 10.60
CA THR A 159 -19.22 -11.01 10.47
C THR A 159 -17.81 -10.48 10.67
N VAL A 160 -17.37 -9.64 9.73
CA VAL A 160 -16.08 -8.98 9.81
C VAL A 160 -16.30 -7.48 9.95
N PHE A 161 -15.48 -6.83 10.77
CA PHE A 161 -15.38 -5.38 10.83
C PHE A 161 -14.02 -4.98 10.26
N VAL A 162 -14.04 -4.12 9.23
CA VAL A 162 -12.84 -3.62 8.58
C VAL A 162 -12.70 -2.14 8.88
N SER A 163 -11.65 -1.78 9.62
CA SER A 163 -11.31 -0.37 9.81
C SER A 163 -10.59 0.18 8.59
N THR A 164 -10.67 1.50 8.39
CA THR A 164 -10.11 2.15 7.21
C THR A 164 -10.51 1.38 5.94
N GLY A 165 -11.81 1.15 5.83
CA GLY A 165 -12.30 0.19 4.86
C GLY A 165 -12.24 0.62 3.41
N ALA A 166 -12.05 1.91 3.14
CA ALA A 166 -11.96 2.39 1.77
C ALA A 166 -10.54 2.45 1.22
N GLY A 167 -9.54 2.20 2.06
CA GLY A 167 -8.18 2.37 1.64
C GLY A 167 -7.72 1.25 0.75
N PRO A 168 -6.49 1.38 0.26
CA PRO A 168 -5.94 0.36 -0.62
C PRO A 168 -5.93 -1.02 0.02
N VAL A 169 -5.61 -1.12 1.31
CA VAL A 169 -5.68 -2.40 2.01
C VAL A 169 -7.13 -2.75 2.36
N GLY A 170 -7.82 -1.84 3.05
CA GLY A 170 -9.14 -2.17 3.58
C GLY A 170 -10.16 -2.51 2.51
N SER A 171 -10.12 -1.83 1.38
CA SER A 171 -11.11 -2.08 0.34
C SER A 171 -10.88 -3.44 -0.32
N PHE A 172 -9.63 -3.90 -0.34
CA PHE A 172 -9.32 -5.26 -0.79
C PHE A 172 -9.83 -6.29 0.24
N VAL A 173 -9.62 -6.00 1.53
CA VAL A 173 -10.14 -6.87 2.58
C VAL A 173 -11.65 -7.03 2.48
N ILE A 174 -12.39 -5.93 2.26
CA ILE A 174 -13.85 -6.04 2.11
C ILE A 174 -14.19 -7.07 1.04
N GLN A 175 -13.48 -6.98 -0.09
CA GLN A 175 -13.81 -7.84 -1.23
C GLN A 175 -13.39 -9.29 -0.98
N LEU A 176 -12.27 -9.51 -0.31
CA LEU A 176 -11.93 -10.87 0.10
C LEU A 176 -12.99 -11.46 1.02
N ALA A 177 -13.46 -10.66 1.99
CA ALA A 177 -14.46 -11.15 2.93
C ALA A 177 -15.77 -11.47 2.23
N LYS A 178 -16.23 -10.61 1.31
CA LYS A 178 -17.47 -10.91 0.60
C LYS A 178 -17.31 -12.17 -0.25
N ALA A 179 -16.13 -12.38 -0.83
CA ALA A 179 -15.94 -13.58 -1.64
C ALA A 179 -15.97 -14.85 -0.79
N ASP A 180 -15.71 -14.72 0.51
CA ASP A 180 -15.81 -15.82 1.47
C ASP A 180 -17.19 -15.90 2.12
N GLY A 181 -18.17 -15.13 1.63
CA GLY A 181 -19.52 -15.28 2.16
C GLY A 181 -19.76 -14.64 3.50
N LEU A 182 -18.98 -13.62 3.85
CA LEU A 182 -19.12 -12.98 5.15
C LEU A 182 -19.97 -11.71 5.04
N LYS A 183 -20.55 -11.36 6.17
CA LYS A 183 -21.14 -10.04 6.34
C LYS A 183 -20.02 -9.08 6.67
N VAL A 184 -20.01 -7.91 6.02
CA VAL A 184 -18.95 -6.92 6.21
C VAL A 184 -19.54 -5.64 6.79
N ILE A 185 -19.00 -5.22 7.93
CA ILE A 185 -19.14 -3.88 8.48
C ILE A 185 -17.82 -3.16 8.22
N ALA A 186 -17.87 -1.91 7.77
CA ALA A 186 -16.63 -1.20 7.48
C ALA A 186 -16.82 0.29 7.71
N SER A 187 -15.77 0.95 8.19
CA SER A 187 -15.86 2.37 8.47
C SER A 187 -14.71 3.16 7.86
N ALA A 188 -15.00 4.43 7.60
CA ALA A 188 -14.05 5.36 7.02
C ALA A 188 -14.45 6.77 7.47
N GLY A 189 -13.67 7.76 7.05
CA GLY A 189 -13.82 9.12 7.54
C GLY A 189 -14.36 10.16 6.58
N SER A 190 -14.89 9.76 5.43
CA SER A 190 -15.49 10.70 4.51
C SER A 190 -16.63 10.03 3.74
N GLU A 191 -17.50 10.86 3.17
CA GLU A 191 -18.61 10.35 2.37
C GLU A 191 -18.12 9.59 1.14
N GLU A 192 -17.14 10.15 0.41
CA GLU A 192 -16.67 9.47 -0.79
C GLU A 192 -16.13 8.08 -0.45
N LYS A 193 -15.48 7.96 0.71
CA LYS A 193 -14.97 6.67 1.14
C LYS A 193 -16.09 5.71 1.51
N VAL A 194 -17.13 6.21 2.20
CA VAL A 194 -18.28 5.36 2.51
C VAL A 194 -18.91 4.86 1.21
N GLN A 195 -19.02 5.73 0.21
CA GLN A 195 -19.61 5.30 -1.05
C GLN A 195 -18.77 4.21 -1.70
N PHE A 196 -17.45 4.32 -1.63
CA PHE A 196 -16.62 3.27 -2.22
C PHE A 196 -16.73 1.96 -1.45
N MET A 197 -16.80 2.02 -0.11
CA MET A 197 -16.99 0.79 0.66
C MET A 197 -18.28 0.09 0.25
N LYS A 198 -19.36 0.85 0.04
CA LYS A 198 -20.61 0.25 -0.42
C LYS A 198 -20.45 -0.33 -1.81
N GLU A 199 -19.76 0.40 -2.69
CA GLU A 199 -19.58 -0.08 -4.06
C GLU A 199 -18.87 -1.43 -4.09
N VAL A 200 -17.90 -1.65 -3.18
CA VAL A 200 -17.15 -2.90 -3.18
C VAL A 200 -17.78 -3.99 -2.32
N GLY A 201 -18.99 -3.75 -1.79
CA GLY A 201 -19.80 -4.82 -1.23
C GLY A 201 -20.03 -4.77 0.27
N ALA A 202 -19.58 -3.73 0.97
CA ALA A 202 -19.82 -3.70 2.40
C ALA A 202 -21.32 -3.72 2.67
N ASP A 203 -21.73 -4.54 3.63
CA ASP A 203 -23.14 -4.60 4.02
C ASP A 203 -23.54 -3.43 4.89
N VAL A 204 -22.64 -3.00 5.78
CA VAL A 204 -22.86 -1.89 6.70
C VAL A 204 -21.63 -1.02 6.53
N ALA A 205 -21.80 0.13 5.92
CA ALA A 205 -20.70 1.05 5.66
C ALA A 205 -21.05 2.36 6.34
N PHE A 206 -20.12 2.89 7.14
CA PHE A 206 -20.43 4.10 7.88
C PHE A 206 -19.21 5.00 8.06
N ASN A 207 -19.50 6.27 8.35
CA ASN A 207 -18.52 7.30 8.60
C ASN A 207 -18.36 7.44 10.10
N TYR A 208 -17.18 7.09 10.62
CA TYR A 208 -17.00 7.08 12.07
C TYR A 208 -17.08 8.47 12.66
N LYS A 209 -16.97 9.52 11.85
CA LYS A 209 -17.10 10.89 12.34
C LYS A 209 -18.55 11.31 12.55
N THR A 210 -19.52 10.62 11.94
CA THR A 210 -20.92 11.01 12.09
C THR A 210 -21.76 9.94 12.75
N THR A 211 -21.19 8.75 12.97
CA THR A 211 -21.91 7.57 13.46
C THR A 211 -21.07 6.90 14.54
N ASN A 212 -21.72 6.52 15.64
CA ASN A 212 -21.08 5.92 16.82
C ASN A 212 -20.67 4.48 16.49
N THR A 213 -19.36 4.22 16.43
CA THR A 213 -18.85 2.90 16.10
C THR A 213 -19.37 1.84 17.07
N ALA A 214 -19.33 2.12 18.37
CA ALA A 214 -19.80 1.12 19.32
C ALA A 214 -21.28 0.79 19.09
N GLU A 215 -22.10 1.78 18.77
CA GLU A 215 -23.51 1.51 18.50
C GLU A 215 -23.68 0.62 17.27
N VAL A 216 -22.93 0.88 16.21
CA VAL A 216 -23.02 0.05 15.02
C VAL A 216 -22.62 -1.39 15.34
N LEU A 217 -21.50 -1.56 16.06
CA LEU A 217 -21.04 -2.92 16.32
C LEU A 217 -21.99 -3.69 17.23
N GLU A 218 -22.69 -3.00 18.15
CA GLU A 218 -23.68 -3.67 18.98
C GLU A 218 -24.89 -4.11 18.15
N LYS A 219 -25.31 -3.26 17.23
CA LYS A 219 -26.50 -3.56 16.45
CA LYS A 219 -26.50 -3.54 16.44
C LYS A 219 -26.21 -4.61 15.38
N GLU A 220 -25.01 -4.59 14.80
CA GLU A 220 -24.70 -5.41 13.65
C GLU A 220 -23.74 -6.55 13.92
N GLY A 221 -23.21 -6.67 15.14
CA GLY A 221 -22.30 -7.75 15.47
C GLY A 221 -23.04 -8.91 16.11
N PRO A 222 -22.34 -9.72 16.92
CA PRO A 222 -20.93 -9.55 17.31
C PRO A 222 -19.98 -9.79 16.15
N ILE A 223 -18.71 -9.49 16.40
CA ILE A 223 -17.67 -9.47 15.38
C ILE A 223 -16.87 -10.77 15.46
N ASP A 224 -16.80 -11.52 14.36
CA ASP A 224 -15.95 -12.71 14.32
C ASP A 224 -14.53 -12.42 13.86
N ILE A 225 -14.35 -11.42 13.01
CA ILE A 225 -13.03 -11.04 12.51
C ILE A 225 -12.95 -9.53 12.55
N TYR A 226 -11.87 -9.00 13.12
CA TYR A 226 -11.56 -7.57 13.06
C TYR A 226 -10.28 -7.39 12.27
N TRP A 227 -10.32 -6.57 11.23
CA TRP A 227 -9.13 -6.20 10.47
C TRP A 227 -8.71 -4.80 10.93
N ASP A 228 -7.59 -4.72 11.65
CA ASP A 228 -7.16 -3.49 12.31
C ASP A 228 -6.13 -2.76 11.46
N ASN A 229 -6.50 -1.55 11.03
CA ASN A 229 -5.61 -0.59 10.40
C ASN A 229 -5.39 0.63 11.26
N VAL A 230 -5.97 0.69 12.47
CA VAL A 230 -5.93 1.92 13.26
C VAL A 230 -5.52 1.77 14.73
N GLY A 231 -5.81 0.62 15.36
CA GLY A 231 -5.50 0.50 16.78
C GLY A 231 -6.43 1.34 17.67
N GLY A 232 -5.96 1.56 18.90
CA GLY A 232 -6.61 2.49 19.80
C GLY A 232 -8.09 2.30 19.98
N GLU A 233 -8.85 3.40 19.91
CA GLU A 233 -10.25 3.35 20.29
C GLU A 233 -11.04 2.40 19.42
N THR A 234 -10.70 2.30 18.14
CA THR A 234 -11.46 1.40 17.26
C THR A 234 -11.18 -0.06 17.62
N LEU A 235 -9.91 -0.38 17.90
CA LEU A 235 -9.56 -1.70 18.40
C LEU A 235 -10.29 -2.01 19.71
N GLU A 236 -10.35 -1.03 20.62
CA GLU A 236 -11.08 -1.25 21.87
C GLU A 236 -12.55 -1.53 21.62
N ALA A 237 -13.17 -0.77 20.71
CA ALA A 237 -14.57 -1.02 20.38
C ALA A 237 -14.75 -2.42 19.79
N ALA A 238 -13.84 -2.82 18.91
CA ALA A 238 -13.92 -4.17 18.34
C ALA A 238 -13.81 -5.24 19.42
N LEU A 239 -12.90 -5.07 20.38
CA LEU A 239 -12.79 -6.03 21.48
C LEU A 239 -14.09 -6.12 22.28
N ASN A 240 -14.72 -4.98 22.55
CA ASN A 240 -15.97 -4.96 23.29
C ASN A 240 -17.09 -5.67 22.54
N ALA A 241 -17.03 -5.72 21.21
CA ALA A 241 -18.07 -6.30 20.38
C ALA A 241 -17.70 -7.68 19.82
N ALA A 242 -16.56 -8.22 20.21
CA ALA A 242 -16.10 -9.48 19.63
C ALA A 242 -16.95 -10.67 20.05
N ASN A 243 -17.13 -11.60 19.12
CA ASN A 243 -17.66 -12.92 19.43
CA ASN A 243 -17.66 -12.91 19.44
C ASN A 243 -16.58 -13.81 20.03
N VAL A 244 -17.02 -14.87 20.70
CA VAL A 244 -16.10 -15.91 21.15
C VAL A 244 -15.40 -16.49 19.92
N ASN A 245 -14.10 -16.74 20.05
CA ASN A 245 -13.24 -17.29 19.01
C ASN A 245 -12.98 -16.32 17.86
N ALA A 246 -13.10 -15.03 18.12
CA ALA A 246 -12.81 -14.03 17.10
C ALA A 246 -11.32 -14.02 16.76
N ARG A 247 -11.04 -13.58 15.54
CA ARG A 247 -9.69 -13.39 15.04
C ARG A 247 -9.48 -11.91 14.76
N PHE A 248 -8.45 -11.33 15.38
CA PHE A 248 -8.09 -9.93 15.21
C PHE A 248 -6.80 -9.88 14.42
N ILE A 249 -6.88 -9.40 13.18
CA ILE A 249 -5.73 -9.33 12.29
C ILE A 249 -5.16 -7.92 12.40
N GLU A 250 -3.95 -7.81 12.96
CA GLU A 250 -3.35 -6.53 13.30
C GLU A 250 -2.40 -6.14 12.17
N CYS A 251 -2.86 -5.23 11.33
CA CYS A 251 -2.13 -4.78 10.15
C CYS A 251 -1.41 -3.46 10.36
N GLY A 252 -2.10 -2.46 10.90
CA GLY A 252 -1.48 -1.18 11.18
C GLY A 252 -2.17 -0.49 12.34
N MET A 253 -1.50 0.52 12.88
CA MET A 253 -2.07 1.33 13.95
C MET A 253 -1.61 2.76 13.78
N ILE A 254 -2.47 3.70 14.19
CA ILE A 254 -2.11 5.12 14.14
C ILE A 254 -1.00 5.39 15.15
N SER A 255 -0.10 6.31 14.81
CA SER A 255 0.90 6.75 15.77
C SER A 255 1.38 8.12 15.35
N GLY A 256 2.29 8.69 16.14
CA GLY A 256 3.14 9.76 15.68
C GLY A 256 4.46 9.18 15.20
N TYR A 257 5.44 10.07 15.00
CA TYR A 257 6.77 9.61 14.63
C TYR A 257 7.31 8.64 15.67
N ASN A 258 7.04 8.95 16.94
CA ASN A 258 7.74 8.35 18.07
C ASN A 258 6.82 7.70 19.12
N SER A 259 5.50 7.86 19.02
CA SER A 259 4.61 7.43 20.10
C SER A 259 4.25 5.94 20.07
N GLY A 260 4.52 5.25 18.97
CA GLY A 260 4.23 3.83 18.96
C GLY A 260 2.78 3.47 18.68
N GLY A 261 1.85 3.88 19.55
CA GLY A 261 0.45 3.55 19.40
C GLY A 261 -0.36 3.87 20.64
N ALA A 262 -1.67 3.91 20.50
CA ALA A 262 -2.58 4.24 21.57
C ALA A 262 -2.76 3.05 22.51
N PRO A 263 -3.16 3.29 23.75
CA PRO A 263 -3.31 2.19 24.71
C PRO A 263 -4.53 1.35 24.40
N VAL A 264 -4.48 0.10 24.84
CA VAL A 264 -5.62 -0.79 24.85
C VAL A 264 -5.97 -1.07 26.30
N ARG A 265 -7.16 -0.64 26.70
CA ARG A 265 -7.55 -0.64 28.10
C ARG A 265 -8.51 -1.76 28.46
N ASN A 266 -8.85 -2.59 27.49
CA ASN A 266 -9.79 -3.70 27.68
C ASN A 266 -9.23 -4.99 27.08
N ILE A 267 -7.92 -5.19 27.21
CA ILE A 267 -7.28 -6.36 26.65
C ILE A 267 -7.76 -7.67 27.29
N PHE A 268 -8.35 -7.62 28.49
N PHE A 268 -8.35 -7.61 28.49
CA PHE A 268 -8.83 -8.88 29.08
CA PHE A 268 -8.89 -8.81 29.14
C PHE A 268 -9.81 -9.59 28.16
C PHE A 268 -9.89 -9.55 28.26
N HIS A 269 -10.53 -8.87 27.31
CA HIS A 269 -11.42 -9.55 26.39
C HIS A 269 -10.73 -10.60 25.56
N VAL A 270 -9.42 -10.47 25.32
CA VAL A 270 -8.72 -11.52 24.58
C VAL A 270 -8.89 -12.87 25.28
N ILE A 271 -8.85 -12.87 26.62
CA ILE A 271 -9.05 -14.10 27.38
C ILE A 271 -10.52 -14.46 27.45
N GLY A 272 -11.36 -13.52 27.89
CA GLY A 272 -12.75 -13.84 28.13
C GLY A 272 -13.47 -14.34 26.89
N LYS A 273 -13.10 -13.82 25.73
CA LYS A 273 -13.73 -14.17 24.47
C LYS A 273 -12.87 -15.07 23.59
N SER A 274 -11.77 -15.60 24.11
CA SER A 274 -10.95 -16.56 23.36
C SER A 274 -10.55 -16.01 22.00
N ILE A 275 -9.93 -14.84 22.00
CA ILE A 275 -9.56 -14.16 20.77
C ILE A 275 -8.14 -14.55 20.38
N THR A 276 -7.93 -14.75 19.07
CA THR A 276 -6.59 -14.89 18.50
C THR A 276 -6.25 -13.59 17.80
N MET A 277 -5.28 -12.87 18.34
CA MET A 277 -4.84 -11.58 17.80
C MET A 277 -3.46 -11.78 17.19
N THR A 278 -3.36 -11.60 15.87
CA THR A 278 -2.12 -11.88 15.17
C THR A 278 -1.64 -10.65 14.44
N GLY A 279 -0.43 -10.18 14.78
CA GLY A 279 0.20 -9.16 13.98
C GLY A 279 1.07 -9.77 12.90
N PHE A 280 1.35 -8.99 11.86
CA PHE A 280 2.20 -9.46 10.78
C PHE A 280 2.85 -8.29 10.08
N ILE A 281 3.89 -8.60 9.31
CA ILE A 281 4.56 -7.68 8.39
C ILE A 281 4.56 -8.38 7.04
N VAL A 282 4.06 -7.70 6.00
CA VAL A 282 3.79 -8.41 4.75
C VAL A 282 5.03 -9.08 4.18
N SER A 283 6.21 -8.45 4.30
CA SER A 283 7.40 -9.07 3.71
C SER A 283 7.74 -10.42 4.34
N ARG A 284 7.34 -10.64 5.59
CA ARG A 284 7.65 -11.88 6.28
C ARG A 284 6.78 -13.04 5.80
N ILE A 285 5.59 -12.77 5.31
CA ILE A 285 4.69 -13.81 4.83
C ILE A 285 4.63 -13.90 3.31
N GLU A 286 5.14 -12.89 2.60
CA GLU A 286 5.03 -12.83 1.15
C GLU A 286 5.57 -14.06 0.42
N PRO A 287 6.67 -14.68 0.83
CA PRO A 287 7.16 -15.84 0.07
C PRO A 287 6.17 -16.99 -0.02
N LYS A 288 5.24 -17.09 0.92
CA LYS A 288 4.30 -18.19 0.91
C LYS A 288 3.21 -18.00 -0.13
N TYR A 289 2.99 -16.76 -0.55
CA TYR A 289 1.85 -16.41 -1.38
C TYR A 289 2.17 -15.71 -2.68
N SER A 290 3.43 -15.36 -2.94
CA SER A 290 3.72 -14.41 -4.00
C SER A 290 3.27 -14.93 -5.36
N ALA A 291 3.63 -16.18 -5.70
CA ALA A 291 3.26 -16.68 -7.02
C ALA A 291 1.75 -16.75 -7.20
N GLU A 292 1.03 -17.22 -6.18
CA GLU A 292 -0.43 -17.26 -6.25
C GLU A 292 -1.00 -15.87 -6.44
N PHE A 293 -0.52 -14.89 -5.66
CA PHE A 293 -1.00 -13.52 -5.76
C PHE A 293 -0.82 -12.97 -7.18
N TYR A 294 0.38 -13.12 -7.74
CA TYR A 294 0.68 -12.52 -9.04
C TYR A 294 0.01 -13.28 -10.18
N LYS A 295 -0.46 -14.51 -9.95
CA LYS A 295 -1.25 -15.20 -10.95
C LYS A 295 -2.73 -14.82 -10.86
N GLU A 296 -3.28 -14.83 -9.64
CA GLU A 296 -4.72 -14.73 -9.48
CA GLU A 296 -4.72 -14.73 -9.48
C GLU A 296 -5.23 -13.30 -9.49
N VAL A 297 -4.50 -12.38 -8.87
CA VAL A 297 -5.03 -11.03 -8.70
C VAL A 297 -5.17 -10.29 -10.01
N PRO A 298 -4.23 -10.37 -10.95
CA PRO A 298 -4.44 -9.68 -12.23
C PRO A 298 -5.68 -10.11 -12.96
N ALA A 299 -6.05 -11.40 -12.89
CA ALA A 299 -7.25 -11.85 -13.56
C ALA A 299 -8.50 -11.23 -12.95
N LYS A 300 -8.53 -11.11 -11.62
CA LYS A 300 -9.69 -10.52 -10.96
C LYS A 300 -9.78 -9.01 -11.20
N VAL A 301 -8.65 -8.34 -11.39
CA VAL A 301 -8.69 -6.93 -11.80
C VAL A 301 -9.21 -6.80 -13.23
N ALA A 302 -8.68 -7.62 -14.14
CA ALA A 302 -9.04 -7.54 -15.55
C ALA A 302 -10.53 -7.82 -15.79
N SER A 303 -11.10 -8.75 -15.01
CA SER A 303 -12.52 -9.08 -15.14
C SER A 303 -13.44 -8.06 -14.48
N GLY A 304 -12.88 -7.14 -13.70
CA GLY A 304 -13.68 -6.21 -12.94
C GLY A 304 -14.22 -6.73 -11.63
N GLU A 305 -13.90 -7.98 -11.26
CA GLU A 305 -14.32 -8.53 -9.99
C GLU A 305 -13.70 -7.79 -8.82
N LEU A 306 -12.43 -7.44 -8.92
CA LEU A 306 -11.68 -6.80 -7.85
C LEU A 306 -11.54 -5.33 -8.20
N LYS A 307 -12.29 -4.49 -7.51
CA LYS A 307 -12.31 -3.05 -7.75
C LYS A 307 -11.21 -2.37 -6.96
N TYR A 308 -10.76 -1.25 -7.50
CA TYR A 308 -9.69 -0.48 -6.89
C TYR A 308 -9.81 0.97 -7.33
N ARG A 309 -9.15 1.84 -6.56
CA ARG A 309 -9.08 3.26 -6.89
CA ARG A 309 -9.09 3.25 -6.88
C ARG A 309 -7.65 3.72 -6.70
N GLU A 310 -7.25 4.67 -7.53
CA GLU A 310 -5.96 5.32 -7.42
C GLU A 310 -6.15 6.79 -7.70
N HIS A 311 -5.26 7.59 -7.16
CA HIS A 311 -5.22 9.03 -7.44
C HIS A 311 -3.88 9.28 -8.14
N VAL A 312 -3.97 9.50 -9.46
CA VAL A 312 -2.80 9.70 -10.30
C VAL A 312 -2.48 11.18 -10.40
N TYR A 313 -1.22 11.50 -10.17
CA TYR A 313 -0.66 12.83 -10.38
C TYR A 313 0.39 12.74 -11.48
N ASN A 314 0.37 13.66 -12.43
CA ASN A 314 1.22 13.55 -13.60
C ASN A 314 2.49 14.36 -13.43
N GLY A 315 3.64 13.68 -13.51
CA GLY A 315 4.92 14.34 -13.59
C GLY A 315 5.77 14.19 -12.35
N LEU A 316 7.01 13.73 -12.54
CA LEU A 316 7.94 13.58 -11.43
C LEU A 316 8.10 14.86 -10.65
N GLU A 317 8.03 16.00 -11.32
CA GLU A 317 8.27 17.28 -10.66
C GLU A 317 7.24 17.59 -9.57
N LYS A 318 6.08 16.93 -9.61
CA LYS A 318 5.03 17.13 -8.63
C LYS A 318 5.19 16.26 -7.40
N LEU A 319 6.16 15.35 -7.36
CA LEU A 319 6.10 14.30 -6.36
C LEU A 319 6.17 14.85 -4.95
N GLY A 320 6.98 15.90 -4.72
CA GLY A 320 7.03 16.48 -3.40
C GLY A 320 5.70 17.07 -2.94
N ASP A 321 4.93 17.62 -3.87
CA ASP A 321 3.58 18.08 -3.53
C ASP A 321 2.66 16.92 -3.20
N VAL A 322 2.86 15.79 -3.88
CA VAL A 322 2.06 14.60 -3.59
C VAL A 322 2.42 14.06 -2.21
N ILE A 323 3.69 14.09 -1.84
CA ILE A 323 4.07 13.67 -0.50
C ILE A 323 3.28 14.47 0.55
N LEU A 324 3.22 15.78 0.38
CA LEU A 324 2.46 16.60 1.32
C LEU A 324 0.99 16.25 1.29
N ALA A 325 0.40 16.11 0.10
CA ALA A 325 -1.01 15.74 0.00
C ALA A 325 -1.30 14.45 0.74
N VAL A 326 -0.41 13.46 0.60
CA VAL A 326 -0.63 12.16 1.24
C VAL A 326 -0.47 12.29 2.75
N GLN A 327 0.52 13.04 3.21
CA GLN A 327 0.65 13.23 4.65
C GLN A 327 -0.56 13.93 5.25
N LYS A 328 -1.25 14.77 4.46
CA LYS A 328 -2.43 15.48 4.91
C LYS A 328 -3.73 14.72 4.64
N GLY A 329 -3.65 13.55 4.02
CA GLY A 329 -4.85 12.80 3.75
C GLY A 329 -5.72 13.39 2.66
N GLU A 330 -5.14 14.21 1.78
CA GLU A 330 -5.91 14.89 0.74
C GLU A 330 -6.07 14.10 -0.54
N ASN A 331 -5.18 13.13 -0.78
CA ASN A 331 -5.36 12.24 -1.92
C ASN A 331 -6.68 11.47 -1.76
N LYS A 332 -7.35 11.21 -2.88
CA LYS A 332 -8.66 10.57 -2.84
C LYS A 332 -8.56 9.05 -2.79
N ALA A 333 -7.39 8.52 -3.09
CA ALA A 333 -7.16 7.10 -3.24
C ALA A 333 -5.66 6.92 -3.31
N LYS A 334 -5.20 5.67 -3.37
CA LYS A 334 -3.79 5.32 -3.43
CA LYS A 334 -3.80 5.33 -3.42
C LYS A 334 -3.06 6.27 -4.36
N ALA A 335 -2.04 6.96 -3.85
CA ALA A 335 -1.38 7.99 -4.63
C ALA A 335 -0.29 7.40 -5.53
N VAL A 336 -0.33 7.80 -6.79
CA VAL A 336 0.58 7.34 -7.83
C VAL A 336 1.09 8.58 -8.56
N VAL A 337 2.39 8.66 -8.78
CA VAL A 337 2.98 9.65 -9.67
C VAL A 337 3.30 8.98 -11.00
N HIS A 338 2.62 9.43 -12.05
CA HIS A 338 2.85 8.92 -13.40
C HIS A 338 4.06 9.69 -13.94
N VAL A 339 5.18 8.99 -14.06
CA VAL A 339 6.45 9.63 -14.42
C VAL A 339 6.64 9.70 -15.93
N ALA A 340 6.27 8.64 -16.63
CA ALA A 340 6.51 8.57 -18.06
C ALA A 340 5.61 7.52 -18.67
N ASP A 341 5.35 7.71 -19.96
CA ASP A 341 4.61 6.74 -20.74
C ASP A 341 5.57 5.66 -21.23
N ASP A 342 4.99 4.53 -21.62
CA ASP A 342 5.76 3.37 -22.00
C ASP A 342 5.69 3.22 -23.50
N LEU A 343 6.56 3.96 -24.19
CA LEU A 343 6.89 3.87 -25.61
C LEU A 343 7.45 5.24 -25.99
C1 GOL B . -10.38 2.14 -11.53
O1 GOL B . -11.74 1.75 -11.69
C2 GOL B . -10.33 3.45 -10.78
O2 GOL B . -10.93 4.46 -11.56
C3 GOL B . -8.92 3.91 -10.49
O3 GOL B . -9.01 5.07 -9.70
H11 GOL B . -9.88 1.47 -11.03
H12 GOL B . -9.93 2.24 -12.39
HO1 GOL B . -11.76 0.94 -11.96
H2 GOL B . -10.80 3.26 -9.96
HO2 GOL B . -11.19 4.11 -12.28
H31 GOL B . -8.45 4.07 -11.32
H32 GOL B . -8.44 3.19 -10.03
HO3 GOL B . -9.75 5.44 -9.85
C1 GOL C . 12.92 15.39 -18.52
O1 GOL C . 11.97 16.37 -18.17
C2 GOL C . 12.20 14.12 -18.89
O2 GOL C . 11.60 14.29 -20.15
C3 GOL C . 13.22 13.00 -18.98
O3 GOL C . 14.20 13.49 -19.85
H11 GOL C . 13.53 15.20 -17.79
H12 GOL C . 13.46 15.68 -19.27
HO1 GOL C . 12.36 17.12 -18.15
H2 GOL C . 11.53 13.92 -18.22
HO2 GOL C . 11.43 15.13 -20.24
H31 GOL C . 12.80 12.18 -19.30
H32 GOL C . 13.57 12.80 -18.09
HO3 GOL C . 14.77 12.88 -19.99
C1 GOL D . -12.61 -11.58 -4.92
O1 GOL D . -13.15 -11.62 -6.22
C2 GOL D . -11.19 -11.05 -4.92
O2 GOL D . -10.91 -10.48 -3.66
C3 GOL D . -10.22 -12.21 -5.15
O3 GOL D . -8.93 -11.81 -4.71
H11 GOL D . -12.60 -12.47 -4.52
H12 GOL D . -13.14 -11.02 -4.34
HO1 GOL D . -12.59 -11.30 -6.76
H2 GOL D . -11.12 -10.41 -5.64
HO2 GOL D . -11.41 -10.86 -3.08
H31 GOL D . -10.22 -12.43 -6.10
H32 GOL D . -10.54 -12.99 -4.68
HO3 GOL D . -8.41 -12.49 -4.77
C1 GOL E . -14.45 5.08 18.66
O1 GOL E . -15.16 3.98 19.17
C2 GOL E . -14.42 5.09 17.16
O2 GOL E . -13.77 3.95 16.71
C3 GOL E . -13.72 6.34 16.65
O3 GOL E . -14.73 7.32 16.59
H11 GOL E . -13.53 5.08 18.98
H12 GOL E . -14.84 5.92 18.96
HO1 GOL E . -15.21 3.40 18.57
H2 GOL E . -15.35 5.10 16.86
HO2 GOL E . -13.02 3.92 17.11
H31 GOL E . -13.32 6.16 15.79
H32 GOL E . -13.02 6.59 17.26
HO3 GOL E . -15.35 7.12 17.14
C1 GOL F . 0.86 -0.68 4.43
O1 GOL F . 0.25 -1.12 5.62
C2 GOL F . 0.14 0.50 3.78
O2 GOL F . -0.70 1.10 4.74
C3 GOL F . -0.63 0.06 2.54
O3 GOL F . -1.46 1.07 1.97
H11 GOL F . 0.87 -1.41 3.77
H12 GOL F . 1.78 -0.42 4.58
HO1 GOL F . -0.54 -0.80 5.65
H2 GOL F . 0.81 1.14 3.50
HO2 GOL F . -1.25 1.59 4.32
H31 GOL F . -1.16 -0.71 2.78
H32 GOL F . 0.03 -0.23 1.88
HO3 GOL F . -2.11 1.22 2.50
#